data_7FRQ
#
_entry.id   7FRQ
#
_cell.length_a   89.465
_cell.length_b   89.465
_cell.length_c   106.381
_cell.angle_alpha   90.000
_cell.angle_beta   90.000
_cell.angle_gamma   120.000
#
_symmetry.space_group_name_H-M   'P 31 2 1'
#
loop_
_entity.id
_entity.type
_entity.pdbx_description
1 polymer 'Tyrosine-protein phosphatase non-receptor type 1'
2 non-polymer 2-AMINO-2-HYDROXYMETHYL-PROPANE-1,3-DIOL
3 non-polymer '2-(thiophen-2-yl)-1,3-thiazole-4-carboxylic acid'
4 water water
#
_entity_poly.entity_id   1
_entity_poly.type   'polypeptide(L)'
_entity_poly.pdbx_seq_one_letter_code
;MEMEKEFEQIDKSGSWAAIYQDIRHEASDFPSRVAKLPKNKNRNRYRDVSPFDHSRIKLHQEDNDYINASLIKMEEAQRS
YILTQGPLPNTVGHFWEMVWEQKSRGVVMLNRVMEKGSLKCAQYWPQKEEKEMIFEDTNLKLTLISEDIKSYYTVRQLEL
ENLTTQETREILHFHYTTWPDFGVPESPASFLNFLFKVRESGSLSPEHGPVVVHCSAGIGRSGTFCLADTCLLLMDKRKD
PSSVDIKKVLLEMRKFRMGLIQTADQLRFSYLAVIEGAKFIMGDSSVQDQWKELSHEDLEPPPEHIPPPPRPPKRILEPH
N
;
_entity_poly.pdbx_strand_id   A
#
loop_
_chem_comp.id
_chem_comp.type
_chem_comp.name
_chem_comp.formula
JLG non-polymer '2-(thiophen-2-yl)-1,3-thiazole-4-carboxylic acid' 'C8 H5 N O2 S2'
TRS non-polymer 2-AMINO-2-HYDROXYMETHYL-PROPANE-1,3-DIOL 'C4 H12 N O3 1'
#
# COMPACT_ATOMS: atom_id res chain seq x y z
N GLU A 2 24.03 -13.26 -0.02
CA GLU A 2 22.65 -13.64 0.41
C GLU A 2 22.21 -12.78 1.60
N MET A 3 20.95 -12.33 1.55
CA MET A 3 20.34 -11.38 2.52
C MET A 3 20.24 -11.99 3.92
N GLU A 4 20.01 -13.30 4.03
CA GLU A 4 19.95 -14.00 5.35
C GLU A 4 21.23 -13.73 6.13
N LYS A 5 22.37 -13.80 5.43
CA LYS A 5 23.71 -13.60 6.03
C LYS A 5 23.84 -12.11 6.36
N GLU A 6 23.42 -11.24 5.42
CA GLU A 6 23.40 -9.77 5.59
C GLU A 6 22.54 -9.39 6.80
N PHE A 7 21.51 -10.18 7.11
CA PHE A 7 20.55 -9.93 8.21
C PHE A 7 21.26 -10.15 9.55
N GLU A 8 21.88 -11.31 9.72
CA GLU A 8 22.63 -11.65 10.96
C GLU A 8 23.69 -10.59 11.21
N GLN A 9 24.38 -10.13 10.15
CA GLN A 9 25.48 -9.13 10.22
C GLN A 9 24.94 -7.81 10.77
N ILE A 10 23.94 -7.23 10.12
CA ILE A 10 23.33 -5.95 10.59
C ILE A 10 22.75 -6.17 12.00
N ASP A 11 22.15 -7.34 12.25
CA ASP A 11 21.50 -7.64 13.55
C ASP A 11 22.57 -7.75 14.65
N LYS A 12 23.52 -8.68 14.50
CA LYS A 12 24.64 -8.89 15.46
C LYS A 12 25.36 -7.56 15.71
N SER A 13 25.61 -6.75 14.68
CA SER A 13 26.27 -5.42 14.79
C SER A 13 25.29 -4.32 15.21
N GLY A 14 23.98 -4.61 15.24
CA GLY A 14 22.89 -3.63 15.50
C GLY A 14 22.98 -2.38 14.64
N SER A 15 23.23 -2.54 13.33
CA SER A 15 23.50 -1.43 12.38
C SER A 15 22.22 -0.93 11.67
N TRP A 16 21.03 -1.35 12.12
CA TRP A 16 19.74 -1.09 11.42
C TRP A 16 19.51 0.40 11.23
N ALA A 17 19.66 1.21 12.28
CA ALA A 17 19.52 2.69 12.21
C ALA A 17 20.48 3.25 11.16
N ALA A 18 21.69 2.67 11.05
CA ALA A 18 22.76 3.11 10.14
C ALA A 18 22.42 2.76 8.69
N ILE A 19 22.04 1.51 8.41
CA ILE A 19 21.49 1.06 7.10
C ILE A 19 20.34 2.00 6.71
N TYR A 20 19.40 2.19 7.62
CA TYR A 20 18.17 2.99 7.36
C TYR A 20 18.55 4.40 6.91
N GLN A 21 19.48 5.04 7.63
CA GLN A 21 19.97 6.42 7.33
C GLN A 21 20.64 6.49 5.96
N ASP A 22 21.41 5.48 5.55
CA ASP A 22 22.01 5.44 4.18
C ASP A 22 20.89 5.46 3.13
N ILE A 23 19.83 4.70 3.37
CA ILE A 23 18.66 4.65 2.43
C ILE A 23 18.03 6.04 2.37
N ARG A 24 17.78 6.64 3.52
CA ARG A 24 17.25 8.02 3.67
C ARG A 24 18.07 9.00 2.82
N HIS A 25 19.40 8.94 2.93
N HIS A 25 19.40 8.93 2.88
CA HIS A 25 20.37 9.82 2.25
CA HIS A 25 20.31 9.90 2.23
C HIS A 25 20.29 9.62 0.73
C HIS A 25 20.36 9.63 0.71
N GLU A 26 20.37 8.36 0.30
CA GLU A 26 20.40 7.97 -1.13
C GLU A 26 19.06 8.20 -1.84
N ALA A 27 17.94 8.32 -1.10
CA ALA A 27 16.56 8.31 -1.67
C ALA A 27 16.35 9.49 -2.61
N SER A 28 15.58 9.28 -3.67
CA SER A 28 15.27 10.29 -4.70
C SER A 28 14.48 11.42 -4.06
N ASP A 29 14.51 12.59 -4.69
CA ASP A 29 13.65 13.73 -4.29
C ASP A 29 13.14 14.41 -5.56
N PHE A 30 11.83 14.51 -5.70
CA PHE A 30 11.21 15.05 -6.92
C PHE A 30 10.21 16.12 -6.51
N PRO A 31 9.89 17.03 -7.41
CA PRO A 31 8.91 18.04 -7.10
C PRO A 31 7.57 17.39 -6.72
N SER A 32 6.89 18.01 -5.75
N SER A 32 6.85 18.03 -5.81
CA SER A 32 5.49 17.74 -5.33
CA SER A 32 5.46 17.72 -5.42
C SER A 32 4.70 19.06 -5.36
C SER A 32 4.67 19.03 -5.37
N ARG A 33 4.64 19.73 -6.51
CA ARG A 33 4.06 21.10 -6.61
C ARG A 33 2.54 21.02 -6.49
N VAL A 34 1.91 20.04 -7.13
CA VAL A 34 0.42 19.98 -7.09
C VAL A 34 -0.04 19.74 -5.64
N ALA A 35 0.62 18.85 -4.88
CA ALA A 35 0.25 18.54 -3.48
C ALA A 35 0.21 19.85 -2.66
N LYS A 36 1.16 20.75 -2.90
CA LYS A 36 1.45 21.95 -2.04
C LYS A 36 0.55 23.14 -2.44
N LEU A 37 -0.21 23.09 -3.53
CA LEU A 37 -1.17 24.16 -3.87
C LEU A 37 -2.11 24.37 -2.68
N PRO A 38 -2.47 25.63 -2.38
CA PRO A 38 -3.39 25.95 -1.29
C PRO A 38 -4.78 25.28 -1.39
N LYS A 39 -5.34 25.16 -2.61
CA LYS A 39 -6.65 24.50 -2.83
C LYS A 39 -6.63 23.02 -2.46
N ASN A 40 -5.45 22.41 -2.25
CA ASN A 40 -5.30 20.95 -1.99
C ASN A 40 -4.94 20.72 -0.52
N LYS A 41 -4.88 21.77 0.30
CA LYS A 41 -4.37 21.65 1.68
C LYS A 41 -5.27 20.66 2.47
N ASN A 42 -6.58 20.70 2.25
CA ASN A 42 -7.53 19.83 3.00
C ASN A 42 -7.69 18.47 2.30
N ARG A 43 -6.89 18.15 1.28
CA ARG A 43 -6.92 16.80 0.63
C ARG A 43 -5.75 15.97 1.14
N ASN A 44 -4.93 16.52 2.03
CA ASN A 44 -3.73 15.84 2.57
C ASN A 44 -3.88 15.66 4.06
N ARG A 45 -3.60 14.45 4.55
CA ARG A 45 -3.76 14.11 5.97
C ARG A 45 -2.55 14.62 6.73
N TYR A 46 -1.37 14.57 6.12
CA TYR A 46 -0.09 15.03 6.70
C TYR A 46 0.57 16.00 5.73
N ARG A 47 1.16 17.08 6.26
CA ARG A 47 1.68 18.20 5.44
C ARG A 47 3.03 17.79 4.83
N ASP A 48 3.75 16.88 5.48
CA ASP A 48 5.09 16.39 5.05
C ASP A 48 4.98 15.08 4.25
N VAL A 49 3.78 14.62 3.86
CA VAL A 49 3.64 13.39 3.03
C VAL A 49 2.87 13.70 1.75
N SER A 50 3.61 13.86 0.66
CA SER A 50 3.09 14.37 -0.61
C SER A 50 3.47 13.40 -1.72
N PRO A 51 2.57 13.19 -2.70
CA PRO A 51 2.94 12.47 -3.91
C PRO A 51 3.81 13.37 -4.81
N PHE A 52 4.85 12.79 -5.39
CA PHE A 52 5.65 13.43 -6.46
C PHE A 52 4.72 13.72 -7.62
N ASP A 53 4.94 14.82 -8.33
CA ASP A 53 4.06 15.18 -9.48
C ASP A 53 4.14 14.11 -10.57
N HIS A 54 5.31 13.50 -10.77
CA HIS A 54 5.53 12.63 -11.95
C HIS A 54 4.75 11.32 -11.80
N SER A 55 4.47 10.87 -10.58
CA SER A 55 3.88 9.53 -10.32
C SER A 55 2.49 9.64 -9.66
N ARG A 56 1.90 10.83 -9.60
CA ARG A 56 0.67 11.05 -8.81
C ARG A 56 -0.50 10.50 -9.61
N ILE A 57 -1.52 9.97 -8.94
CA ILE A 57 -2.77 9.54 -9.62
C ILE A 57 -3.58 10.80 -9.85
N LYS A 58 -4.13 10.97 -11.04
CA LYS A 58 -5.03 12.09 -11.33
C LYS A 58 -6.47 11.59 -11.33
N LEU A 59 -7.34 12.26 -10.59
CA LEU A 59 -8.80 12.03 -10.73
C LEU A 59 -9.24 12.60 -12.08
N HIS A 60 -10.12 11.90 -12.79
CA HIS A 60 -10.78 12.39 -14.04
C HIS A 60 -11.96 13.29 -13.65
N GLN A 61 -11.75 14.33 -12.85
CA GLN A 61 -12.80 15.36 -12.58
C GLN A 61 -12.14 16.68 -12.96
N GLU A 62 -12.82 17.49 -13.78
CA GLU A 62 -12.25 18.68 -14.48
C GLU A 62 -11.87 19.75 -13.46
N ASP A 63 -12.68 19.87 -12.41
CA ASP A 63 -12.52 20.88 -11.34
C ASP A 63 -11.12 20.72 -10.72
N ASN A 64 -10.94 19.71 -9.86
CA ASN A 64 -9.68 19.43 -9.12
C ASN A 64 -9.34 17.96 -9.29
N ASP A 65 -8.18 17.65 -9.88
CA ASP A 65 -7.80 16.27 -10.25
C ASP A 65 -6.92 15.66 -9.14
N TYR A 66 -6.77 16.32 -8.00
CA TYR A 66 -5.78 15.91 -6.97
C TYR A 66 -6.34 14.90 -5.96
N ILE A 67 -5.53 13.87 -5.71
CA ILE A 67 -5.66 12.96 -4.56
C ILE A 67 -4.25 12.64 -4.12
N ASN A 68 -4.07 12.43 -2.83
CA ASN A 68 -2.78 11.99 -2.27
C ASN A 68 -2.65 10.48 -2.53
N ALA A 69 -2.17 10.16 -3.73
CA ALA A 69 -1.94 8.79 -4.19
C ALA A 69 -0.85 8.79 -5.26
N SER A 70 -0.04 7.73 -5.24
CA SER A 70 1.11 7.53 -6.15
C SER A 70 1.00 6.15 -6.81
N LEU A 71 1.35 6.07 -8.09
CA LEU A 71 1.54 4.80 -8.83
C LEU A 71 2.99 4.35 -8.72
N ILE A 72 3.23 3.21 -8.06
N ILE A 72 3.22 3.25 -8.00
CA ILE A 72 4.56 2.52 -8.00
CA ILE A 72 4.49 2.49 -8.00
C ILE A 72 4.59 1.42 -9.06
C ILE A 72 4.42 1.53 -9.19
N LYS A 73 5.39 1.62 -10.11
CA LYS A 73 5.51 0.70 -11.27
C LYS A 73 6.81 -0.08 -11.10
N MET A 74 6.75 -1.40 -10.88
CA MET A 74 7.96 -2.24 -10.73
C MET A 74 8.09 -3.06 -12.02
N GLU A 75 8.82 -2.48 -12.98
CA GLU A 75 8.96 -2.92 -14.39
C GLU A 75 9.35 -4.41 -14.44
N GLU A 76 10.47 -4.77 -13.81
CA GLU A 76 10.98 -6.15 -13.88
C GLU A 76 9.98 -7.13 -13.27
N ALA A 77 9.28 -6.76 -12.19
CA ALA A 77 8.36 -7.69 -11.49
C ALA A 77 6.97 -7.72 -12.13
N GLN A 78 6.71 -6.79 -13.07
N GLN A 78 6.74 -6.82 -13.11
CA GLN A 78 5.40 -6.62 -13.75
CA GLN A 78 5.42 -6.56 -13.76
C GLN A 78 4.32 -6.46 -12.68
C GLN A 78 4.35 -6.47 -12.67
N ARG A 79 4.60 -5.60 -11.69
CA ARG A 79 3.68 -5.32 -10.58
C ARG A 79 3.53 -3.80 -10.52
N SER A 80 2.29 -3.35 -10.39
N SER A 80 2.31 -3.33 -10.33
CA SER A 80 1.97 -1.94 -10.09
CA SER A 80 2.00 -1.90 -10.11
C SER A 80 1.18 -1.89 -8.79
C SER A 80 1.04 -1.75 -8.93
N TYR A 81 1.34 -0.81 -8.03
CA TYR A 81 0.57 -0.57 -6.79
C TYR A 81 0.24 0.90 -6.76
N ILE A 82 -0.95 1.22 -6.27
CA ILE A 82 -1.31 2.61 -5.90
C ILE A 82 -1.18 2.67 -4.38
N LEU A 83 -0.29 3.53 -3.90
CA LEU A 83 -0.17 3.80 -2.46
C LEU A 83 -0.83 5.15 -2.19
N THR A 84 -1.71 5.17 -1.19
CA THR A 84 -2.51 6.37 -0.86
C THR A 84 -2.58 6.47 0.68
N GLN A 85 -3.03 7.61 1.13
CA GLN A 85 -3.24 7.89 2.57
C GLN A 85 -4.60 7.26 2.93
N GLY A 86 -4.83 6.98 4.20
CA GLY A 86 -6.19 6.70 4.70
C GLY A 86 -7.10 7.86 4.33
N PRO A 87 -8.24 7.64 3.67
CA PRO A 87 -9.06 8.75 3.26
C PRO A 87 -9.46 9.65 4.46
N LEU A 88 -9.66 10.92 4.15
CA LEU A 88 -10.25 11.90 5.08
C LEU A 88 -11.76 11.90 4.91
N PRO A 89 -12.53 12.46 5.87
CA PRO A 89 -13.98 12.56 5.76
C PRO A 89 -14.36 13.25 4.44
N ASN A 90 -13.56 14.21 4.01
CA ASN A 90 -13.86 14.96 2.77
C ASN A 90 -13.28 14.27 1.52
N THR A 91 -12.48 13.20 1.61
CA THR A 91 -11.88 12.56 0.38
C THR A 91 -12.40 11.14 0.14
N VAL A 92 -13.39 10.67 0.91
CA VAL A 92 -13.90 9.27 0.77
C VAL A 92 -14.48 9.11 -0.64
N GLY A 93 -15.17 10.13 -1.15
CA GLY A 93 -15.72 10.15 -2.51
C GLY A 93 -14.64 10.04 -3.56
N HIS A 94 -13.54 10.78 -3.36
CA HIS A 94 -12.36 10.83 -4.26
C HIS A 94 -11.71 9.45 -4.29
N PHE A 95 -11.54 8.86 -3.11
CA PHE A 95 -10.90 7.55 -2.97
C PHE A 95 -11.65 6.53 -3.85
N TRP A 96 -12.99 6.51 -3.77
CA TRP A 96 -13.76 5.48 -4.51
C TRP A 96 -13.78 5.82 -6.01
N GLU A 97 -13.71 7.10 -6.34
CA GLU A 97 -13.58 7.56 -7.74
C GLU A 97 -12.26 7.01 -8.29
N MET A 98 -11.20 7.07 -7.51
CA MET A 98 -9.89 6.59 -7.98
C MET A 98 -9.97 5.06 -8.19
N VAL A 99 -10.56 4.33 -7.24
CA VAL A 99 -10.73 2.86 -7.38
C VAL A 99 -11.47 2.56 -8.70
N TRP A 100 -12.55 3.29 -8.94
CA TRP A 100 -13.34 3.13 -10.18
C TRP A 100 -12.46 3.42 -11.41
N GLU A 101 -11.85 4.61 -11.47
CA GLU A 101 -11.14 5.09 -12.69
C GLU A 101 -9.94 4.20 -13.01
N GLN A 102 -9.25 3.68 -11.99
CA GLN A 102 -8.04 2.83 -12.18
C GLN A 102 -8.39 1.34 -12.36
N LYS A 103 -9.66 0.92 -12.28
CA LYS A 103 -10.08 -0.50 -12.51
C LYS A 103 -9.40 -1.42 -11.51
N SER A 104 -9.14 -0.93 -10.31
CA SER A 104 -8.60 -1.72 -9.20
C SER A 104 -9.63 -2.78 -8.83
N ARG A 105 -9.14 -3.98 -8.50
N ARG A 105 -9.15 -3.96 -8.43
CA ARG A 105 -9.93 -5.12 -8.00
CA ARG A 105 -9.97 -5.13 -8.02
C ARG A 105 -9.97 -5.09 -6.47
C ARG A 105 -9.89 -5.29 -6.49
N GLY A 106 -8.81 -4.81 -5.85
CA GLY A 106 -8.58 -4.98 -4.41
C GLY A 106 -8.13 -3.68 -3.74
N VAL A 107 -8.55 -3.50 -2.49
CA VAL A 107 -8.10 -2.44 -1.56
C VAL A 107 -7.50 -3.17 -0.37
N VAL A 108 -6.25 -2.87 -0.05
CA VAL A 108 -5.50 -3.45 1.09
C VAL A 108 -5.35 -2.34 2.16
N MET A 109 -5.85 -2.62 3.35
CA MET A 109 -5.88 -1.65 4.47
C MET A 109 -5.06 -2.24 5.60
N LEU A 110 -4.03 -1.53 6.05
CA LEU A 110 -3.04 -2.08 7.00
C LEU A 110 -3.14 -1.38 8.37
N ASN A 111 -4.20 -0.60 8.59
CA ASN A 111 -4.38 0.16 9.86
C ASN A 111 -5.80 -0.10 10.37
N ARG A 112 -6.05 0.21 11.65
CA ARG A 112 -7.40 0.27 12.24
C ARG A 112 -7.87 1.72 12.13
N VAL A 113 -9.18 1.92 12.13
CA VAL A 113 -9.76 3.28 11.99
C VAL A 113 -9.29 4.13 13.18
N MET A 114 -9.16 3.50 14.35
CA MET A 114 -8.64 4.22 15.53
C MET A 114 -7.41 3.50 16.08
N GLU A 115 -6.32 4.23 16.21
CA GLU A 115 -5.09 3.70 16.85
C GLU A 115 -4.53 4.78 17.77
N LYS A 116 -3.98 4.37 18.92
CA LYS A 116 -3.42 5.32 19.92
C LYS A 116 -4.47 6.38 20.26
N GLY A 117 -5.73 5.98 20.39
CA GLY A 117 -6.89 6.85 20.71
C GLY A 117 -7.16 7.99 19.72
N SER A 118 -6.55 7.97 18.54
CA SER A 118 -6.81 8.96 17.45
C SER A 118 -7.38 8.28 16.18
N LEU A 119 -8.11 9.02 15.37
CA LEU A 119 -8.66 8.52 14.08
C LEU A 119 -7.56 8.57 13.02
N LYS A 120 -7.22 7.42 12.47
CA LYS A 120 -6.11 7.26 11.51
C LYS A 120 -6.66 7.27 10.07
N CYS A 121 -7.97 7.28 9.95
CA CYS A 121 -8.68 6.97 8.70
C CYS A 121 -10.19 7.21 8.87
N ALA A 122 -10.88 7.75 7.88
CA ALA A 122 -12.37 7.74 7.85
C ALA A 122 -12.86 6.31 7.60
N GLN A 123 -14.03 6.01 8.15
CA GLN A 123 -14.82 4.78 7.92
C GLN A 123 -15.39 4.89 6.50
N TYR A 124 -14.73 4.30 5.50
CA TYR A 124 -14.99 4.63 4.06
C TYR A 124 -15.77 3.48 3.40
N TRP A 125 -16.15 2.46 4.18
CA TRP A 125 -16.97 1.33 3.66
C TRP A 125 -18.13 1.07 4.61
N PRO A 126 -19.24 0.50 4.13
CA PRO A 126 -20.42 0.24 4.96
C PRO A 126 -20.20 -0.88 5.99
N GLN A 127 -20.85 -0.76 7.15
CA GLN A 127 -20.70 -1.75 8.25
C GLN A 127 -21.78 -2.81 8.18
N LYS A 128 -22.84 -2.59 7.42
CA LYS A 128 -23.96 -3.56 7.34
C LYS A 128 -24.49 -3.64 5.93
N GLU A 129 -24.88 -4.84 5.51
CA GLU A 129 -25.46 -5.13 4.18
C GLU A 129 -26.51 -4.07 3.82
N GLU A 130 -27.45 -3.81 4.73
CA GLU A 130 -28.71 -3.07 4.40
C GLU A 130 -28.46 -1.55 4.46
N LYS A 131 -27.27 -1.12 4.88
CA LYS A 131 -26.97 0.34 5.00
C LYS A 131 -25.88 0.70 4.00
N GLU A 132 -26.22 0.88 2.73
CA GLU A 132 -25.21 1.22 1.69
C GLU A 132 -24.79 2.68 1.87
N MET A 133 -23.68 3.07 1.22
CA MET A 133 -23.16 4.46 1.20
C MET A 133 -23.30 5.03 -0.20
N ILE A 134 -23.80 6.26 -0.32
CA ILE A 134 -23.79 7.03 -1.60
C ILE A 134 -22.85 8.23 -1.42
N PHE A 135 -21.95 8.41 -2.38
CA PHE A 135 -20.96 9.52 -2.44
C PHE A 135 -21.45 10.51 -3.49
N GLU A 136 -22.26 11.49 -3.04
CA GLU A 136 -23.04 12.38 -3.93
C GLU A 136 -22.05 13.19 -4.79
N ASP A 137 -20.90 13.55 -4.22
CA ASP A 137 -19.86 14.35 -4.94
C ASP A 137 -19.33 13.60 -6.17
N THR A 138 -19.26 12.26 -6.13
CA THR A 138 -18.60 11.44 -7.18
C THR A 138 -19.58 10.41 -7.78
N ASN A 139 -20.86 10.49 -7.42
CA ASN A 139 -21.94 9.68 -8.04
C ASN A 139 -21.61 8.20 -8.05
N LEU A 140 -21.25 7.67 -6.89
CA LEU A 140 -20.94 6.23 -6.68
C LEU A 140 -21.75 5.74 -5.48
N LYS A 141 -22.16 4.48 -5.56
CA LYS A 141 -22.83 3.78 -4.47
C LYS A 141 -21.98 2.56 -4.12
N LEU A 142 -21.86 2.29 -2.82
CA LEU A 142 -21.03 1.20 -2.26
C LEU A 142 -21.89 0.35 -1.30
N THR A 143 -21.93 -0.96 -1.52
CA THR A 143 -22.73 -1.91 -0.73
C THR A 143 -21.82 -3.00 -0.20
N LEU A 144 -21.93 -3.30 1.09
CA LEU A 144 -21.26 -4.47 1.69
C LEU A 144 -22.08 -5.71 1.29
N ILE A 145 -21.43 -6.65 0.62
CA ILE A 145 -22.05 -7.88 0.08
C ILE A 145 -21.80 -8.98 1.09
N SER A 146 -20.57 -9.11 1.58
CA SER A 146 -20.23 -10.13 2.60
C SER A 146 -18.94 -9.72 3.28
N GLU A 147 -18.72 -10.35 4.43
CA GLU A 147 -17.68 -10.01 5.40
C GLU A 147 -17.25 -11.32 6.04
N ASP A 148 -15.98 -11.63 5.99
CA ASP A 148 -15.39 -12.88 6.51
C ASP A 148 -14.30 -12.45 7.49
N ILE A 149 -14.62 -12.51 8.78
CA ILE A 149 -13.74 -12.04 9.87
C ILE A 149 -12.92 -13.21 10.37
N LYS A 150 -11.59 -13.09 10.37
CA LYS A 150 -10.64 -14.12 10.85
C LYS A 150 -9.77 -13.47 11.91
N SER A 151 -8.88 -14.25 12.52
CA SER A 151 -8.07 -13.84 13.69
C SER A 151 -7.31 -12.54 13.35
N TYR A 152 -6.63 -12.51 12.20
CA TYR A 152 -5.54 -11.55 11.89
C TYR A 152 -5.99 -10.53 10.83
N TYR A 153 -7.04 -10.85 10.09
CA TYR A 153 -7.52 -9.98 8.98
C TYR A 153 -8.99 -10.30 8.70
N THR A 154 -9.63 -9.37 8.00
CA THR A 154 -11.01 -9.46 7.53
C THR A 154 -10.99 -9.25 6.01
N VAL A 155 -11.75 -10.05 5.28
CA VAL A 155 -11.95 -9.88 3.83
C VAL A 155 -13.39 -9.48 3.67
N ARG A 156 -13.63 -8.43 2.90
CA ARG A 156 -14.98 -7.88 2.64
C ARG A 156 -15.19 -7.85 1.12
N GLN A 157 -16.37 -8.31 0.70
CA GLN A 157 -16.82 -8.30 -0.71
C GLN A 157 -17.80 -7.13 -0.86
N LEU A 158 -17.27 -5.98 -1.27
CA LEU A 158 -18.05 -4.75 -1.53
C LEU A 158 -18.45 -4.80 -3.00
N GLU A 159 -19.41 -3.96 -3.40
CA GLU A 159 -19.80 -3.78 -4.81
C GLU A 159 -19.84 -2.29 -5.10
N LEU A 160 -19.15 -1.84 -6.15
CA LEU A 160 -19.10 -0.42 -6.54
C LEU A 160 -20.10 -0.22 -7.67
N GLU A 161 -21.02 0.73 -7.54
CA GLU A 161 -21.96 1.04 -8.64
C GLU A 161 -21.71 2.47 -9.07
N ASN A 162 -21.45 2.63 -10.37
CA ASN A 162 -21.38 3.95 -11.02
C ASN A 162 -22.81 4.41 -11.30
N LEU A 163 -23.33 5.36 -10.54
CA LEU A 163 -24.75 5.78 -10.61
C LEU A 163 -24.99 6.49 -11.94
N THR A 164 -23.93 7.02 -12.56
CA THR A 164 -23.98 7.74 -13.86
C THR A 164 -24.25 6.76 -15.02
N THR A 165 -23.86 5.48 -14.89
CA THR A 165 -23.86 4.48 -15.99
C THR A 165 -24.49 3.16 -15.55
N GLN A 166 -24.77 3.00 -14.26
CA GLN A 166 -25.35 1.77 -13.66
C GLN A 166 -24.41 0.56 -13.83
N GLU A 167 -23.17 0.74 -14.32
CA GLU A 167 -22.15 -0.33 -14.24
C GLU A 167 -21.90 -0.64 -12.76
N THR A 168 -21.68 -1.89 -12.44
CA THR A 168 -21.25 -2.30 -11.09
C THR A 168 -20.00 -3.16 -11.19
N ARG A 169 -19.22 -3.18 -10.11
CA ARG A 169 -17.98 -3.99 -10.04
C ARG A 169 -17.83 -4.56 -8.62
N GLU A 170 -17.35 -5.79 -8.52
CA GLU A 170 -16.87 -6.47 -7.29
C GLU A 170 -15.54 -5.85 -6.87
N ILE A 171 -15.44 -5.30 -5.66
CA ILE A 171 -14.13 -4.89 -5.06
C ILE A 171 -13.89 -5.74 -3.81
N LEU A 172 -12.68 -6.29 -3.67
CA LEU A 172 -12.28 -7.02 -2.45
C LEU A 172 -11.52 -6.05 -1.52
N HIS A 173 -11.96 -5.96 -0.29
CA HIS A 173 -11.31 -5.17 0.77
C HIS A 173 -10.59 -6.13 1.71
N PHE A 174 -9.27 -6.06 1.76
CA PHE A 174 -8.44 -6.92 2.63
C PHE A 174 -7.93 -6.04 3.74
N HIS A 175 -8.34 -6.34 4.96
CA HIS A 175 -8.11 -5.47 6.13
C HIS A 175 -7.27 -6.27 7.09
N TYR A 176 -5.99 -5.95 7.20
CA TYR A 176 -5.09 -6.52 8.23
C TYR A 176 -5.34 -5.75 9.52
N THR A 177 -5.85 -6.44 10.54
CA THR A 177 -6.47 -5.80 11.73
C THR A 177 -5.55 -5.91 12.95
N THR A 178 -4.39 -6.55 12.87
CA THR A 178 -3.58 -6.94 14.06
C THR A 178 -2.17 -6.34 14.03
N TRP A 179 -1.93 -5.33 13.21
CA TRP A 179 -0.63 -4.62 13.29
C TRP A 179 -0.63 -3.88 14.64
N PRO A 180 0.39 -4.03 15.49
CA PRO A 180 0.38 -3.37 16.79
C PRO A 180 0.46 -1.83 16.70
N ASP A 181 -0.18 -1.15 17.64
CA ASP A 181 -0.17 0.34 17.76
C ASP A 181 1.27 0.86 17.74
N PHE A 182 2.22 0.14 18.36
CA PHE A 182 3.66 0.53 18.43
C PHE A 182 4.52 -0.62 17.85
N GLY A 183 5.53 -0.27 17.07
CA GLY A 183 6.48 -1.25 16.53
C GLY A 183 5.87 -2.10 15.43
N VAL A 184 6.37 -3.31 15.28
CA VAL A 184 6.04 -4.20 14.13
C VAL A 184 5.61 -5.52 14.74
N PRO A 185 4.91 -6.41 14.01
CA PRO A 185 4.57 -7.73 14.56
C PRO A 185 5.86 -8.45 14.95
N GLU A 186 5.78 -9.36 15.94
CA GLU A 186 6.96 -10.13 16.43
C GLU A 186 7.38 -11.09 15.33
N SER A 187 6.43 -11.82 14.77
CA SER A 187 6.64 -12.78 13.66
C SER A 187 5.97 -12.26 12.39
N PRO A 188 6.59 -12.41 11.20
CA PRO A 188 5.93 -12.09 9.93
C PRO A 188 4.93 -13.12 9.39
N ALA A 189 4.72 -14.23 10.11
CA ALA A 189 3.85 -15.32 9.64
C ALA A 189 2.48 -14.76 9.22
N SER A 190 1.80 -14.01 10.09
CA SER A 190 0.38 -13.65 9.79
C SER A 190 0.35 -12.62 8.64
N PHE A 191 1.38 -11.78 8.55
CA PHE A 191 1.52 -10.79 7.45
C PHE A 191 1.72 -11.51 6.11
N LEU A 192 2.53 -12.58 6.09
CA LEU A 192 2.80 -13.39 4.87
C LEU A 192 1.54 -14.10 4.42
N ASN A 193 0.85 -14.75 5.37
N ASN A 193 0.82 -14.72 5.36
CA ASN A 193 -0.47 -15.40 5.14
CA ASN A 193 -0.46 -15.43 5.05
C ASN A 193 -1.40 -14.40 4.45
C ASN A 193 -1.47 -14.42 4.49
N PHE A 194 -1.50 -13.20 5.03
CA PHE A 194 -2.32 -12.08 4.50
C PHE A 194 -1.89 -11.74 3.07
N LEU A 195 -0.59 -11.54 2.85
CA LEU A 195 -0.06 -11.24 1.49
C LEU A 195 -0.44 -12.38 0.50
N PHE A 196 -0.30 -13.66 0.89
CA PHE A 196 -0.63 -14.80 -0.02
C PHE A 196 -2.13 -14.78 -0.29
N LYS A 197 -2.93 -14.36 0.66
CA LYS A 197 -4.40 -14.28 0.47
C LYS A 197 -4.72 -13.20 -0.55
N VAL A 198 -4.03 -12.06 -0.48
CA VAL A 198 -4.26 -10.98 -1.49
C VAL A 198 -3.87 -11.53 -2.87
N ARG A 199 -2.72 -12.19 -2.95
CA ARG A 199 -2.23 -12.74 -4.25
C ARG A 199 -3.27 -13.70 -4.83
N GLU A 200 -3.77 -14.61 -3.98
CA GLU A 200 -4.70 -15.68 -4.40
C GLU A 200 -5.99 -15.09 -4.97
N SER A 201 -6.40 -13.91 -4.54
CA SER A 201 -7.66 -13.27 -4.98
C SER A 201 -7.58 -12.82 -6.43
N GLY A 202 -6.37 -12.71 -6.99
CA GLY A 202 -6.16 -12.09 -8.32
C GLY A 202 -6.03 -10.58 -8.30
N SER A 203 -6.10 -9.95 -7.13
CA SER A 203 -6.09 -8.47 -6.98
C SER A 203 -4.75 -7.86 -7.43
N LEU A 204 -3.68 -8.65 -7.47
CA LEU A 204 -2.31 -8.18 -7.81
C LEU A 204 -1.98 -8.55 -9.25
N SER A 205 -2.92 -9.15 -9.96
CA SER A 205 -2.65 -9.68 -11.31
C SER A 205 -2.84 -8.60 -12.38
N PRO A 206 -2.09 -8.70 -13.51
CA PRO A 206 -2.09 -7.66 -14.54
C PRO A 206 -3.37 -7.53 -15.37
N GLU A 207 -4.28 -8.50 -15.25
N GLU A 207 -4.30 -8.48 -15.24
CA GLU A 207 -5.65 -8.43 -15.82
CA GLU A 207 -5.65 -8.40 -15.87
C GLU A 207 -6.37 -7.21 -15.23
C GLU A 207 -6.55 -7.44 -15.08
N HIS A 208 -6.04 -6.85 -13.98
CA HIS A 208 -6.76 -5.80 -13.23
C HIS A 208 -5.93 -4.50 -13.17
N GLY A 209 -6.59 -3.38 -12.91
CA GLY A 209 -5.93 -2.14 -12.47
C GLY A 209 -5.06 -2.44 -11.26
N PRO A 210 -4.19 -1.50 -10.89
CA PRO A 210 -3.33 -1.69 -9.73
C PRO A 210 -4.17 -1.79 -8.44
N VAL A 211 -3.69 -2.62 -7.54
CA VAL A 211 -4.19 -2.69 -6.16
C VAL A 211 -3.99 -1.32 -5.47
N VAL A 212 -4.94 -0.93 -4.65
CA VAL A 212 -4.84 0.27 -3.77
C VAL A 212 -4.42 -0.21 -2.40
N VAL A 213 -3.29 0.29 -1.92
CA VAL A 213 -2.71 -0.07 -0.60
C VAL A 213 -2.68 1.21 0.23
N HIS A 214 -3.13 1.15 1.47
CA HIS A 214 -3.05 2.32 2.38
C HIS A 214 -2.87 1.88 3.81
N CYS A 215 -2.28 2.79 4.57
CA CYS A 215 -2.24 2.77 6.04
C CYS A 215 -2.74 4.18 6.39
N SER A 216 -2.14 4.88 7.36
N SER A 216 -2.12 4.83 7.37
CA SER A 216 -2.55 6.27 7.66
CA SER A 216 -2.42 6.23 7.78
C SER A 216 -1.92 7.22 6.64
C SER A 216 -1.91 7.20 6.71
N ALA A 217 -0.60 7.17 6.45
CA ALA A 217 0.11 8.07 5.51
C ALA A 217 0.31 7.39 4.14
N GLY A 218 0.22 6.05 4.08
CA GLY A 218 0.53 5.28 2.87
C GLY A 218 2.02 5.22 2.56
N ILE A 219 2.89 5.10 3.56
CA ILE A 219 4.37 5.00 3.32
C ILE A 219 5.03 3.92 4.20
N GLY A 220 4.56 3.73 5.43
CA GLY A 220 5.22 2.83 6.39
C GLY A 220 4.79 1.40 6.18
N ARG A 221 3.66 1.04 6.77
CA ARG A 221 3.14 -0.35 6.61
C ARG A 221 2.85 -0.65 5.14
N SER A 222 2.37 0.34 4.39
CA SER A 222 2.03 0.20 2.95
C SER A 222 3.30 -0.15 2.19
N GLY A 223 4.39 0.53 2.52
CA GLY A 223 5.74 0.27 1.99
C GLY A 223 6.21 -1.16 2.19
N THR A 224 6.05 -1.68 3.41
N THR A 224 6.03 -1.69 3.41
CA THR A 224 6.45 -3.05 3.81
CA THR A 224 6.47 -3.06 3.79
C THR A 224 5.68 -4.07 2.96
C THR A 224 5.69 -4.08 2.95
N PHE A 225 4.41 -3.80 2.69
CA PHE A 225 3.54 -4.71 1.91
C PHE A 225 4.10 -4.88 0.49
N CYS A 226 4.36 -3.78 -0.22
N CYS A 226 4.32 -3.75 -0.20
CA CYS A 226 4.74 -3.81 -1.66
CA CYS A 226 4.77 -3.72 -1.61
C CYS A 226 6.24 -4.09 -1.82
C CYS A 226 6.21 -4.24 -1.72
N LEU A 227 7.07 -3.81 -0.81
CA LEU A 227 8.47 -4.26 -0.79
C LEU A 227 8.52 -5.81 -0.69
N ALA A 228 7.80 -6.41 0.26
CA ALA A 228 7.80 -7.88 0.45
C ALA A 228 7.25 -8.55 -0.81
N ASP A 229 6.13 -8.07 -1.34
CA ASP A 229 5.51 -8.69 -2.54
C ASP A 229 6.51 -8.68 -3.71
N THR A 230 7.09 -7.52 -4.02
CA THR A 230 7.97 -7.34 -5.19
C THR A 230 9.22 -8.19 -5.02
N CYS A 231 9.87 -8.16 -3.87
CA CYS A 231 11.09 -8.97 -3.60
C CYS A 231 10.84 -10.48 -3.79
N LEU A 232 9.74 -10.99 -3.26
CA LEU A 232 9.41 -12.44 -3.36
C LEU A 232 9.18 -12.83 -4.83
N LEU A 233 8.49 -11.97 -5.57
N LEU A 233 8.48 -11.96 -5.57
CA LEU A 233 8.22 -12.20 -7.03
CA LEU A 233 8.20 -12.12 -7.02
C LEU A 233 9.53 -12.19 -7.82
C LEU A 233 9.52 -12.19 -7.81
N LEU A 234 10.46 -11.29 -7.49
CA LEU A 234 11.76 -11.21 -8.20
C LEU A 234 12.60 -12.47 -7.92
N MET A 235 12.46 -13.08 -6.74
CA MET A 235 13.19 -14.33 -6.40
C MET A 235 12.63 -15.50 -7.20
N ASP A 236 11.36 -15.47 -7.59
CA ASP A 236 10.74 -16.47 -8.48
C ASP A 236 11.18 -16.25 -9.94
N LYS A 237 11.44 -15.02 -10.33
CA LYS A 237 11.58 -14.66 -11.76
C LYS A 237 13.05 -14.83 -12.13
N ARG A 238 13.98 -14.55 -11.23
CA ARG A 238 15.42 -14.47 -11.59
C ARG A 238 16.12 -15.83 -11.57
N LYS A 239 17.09 -15.98 -12.48
CA LYS A 239 17.98 -17.16 -12.56
C LYS A 239 18.67 -17.36 -11.22
N ASP A 240 19.21 -16.30 -10.65
CA ASP A 240 19.85 -16.30 -9.31
C ASP A 240 18.98 -15.52 -8.33
N PRO A 241 18.17 -16.22 -7.51
CA PRO A 241 17.36 -15.56 -6.47
C PRO A 241 18.12 -14.62 -5.52
N SER A 242 19.40 -14.89 -5.28
CA SER A 242 20.22 -14.20 -4.26
C SER A 242 20.73 -12.87 -4.82
N SER A 243 20.55 -12.60 -6.11
CA SER A 243 20.84 -11.27 -6.72
C SER A 243 19.83 -10.21 -6.24
N VAL A 244 18.76 -10.61 -5.54
CA VAL A 244 17.69 -9.68 -5.12
C VAL A 244 18.20 -8.88 -3.92
N ASP A 245 18.47 -7.60 -4.10
CA ASP A 245 18.91 -6.70 -3.01
C ASP A 245 17.71 -5.83 -2.58
N ILE A 246 17.18 -6.08 -1.38
N ILE A 246 17.17 -6.10 -1.38
CA ILE A 246 15.99 -5.39 -0.81
CA ILE A 246 16.02 -5.38 -0.75
C ILE A 246 16.22 -3.87 -0.72
C ILE A 246 16.26 -3.87 -0.85
N LYS A 247 17.46 -3.45 -0.44
CA LYS A 247 17.84 -2.00 -0.37
C LYS A 247 17.67 -1.39 -1.75
N LYS A 248 18.10 -2.09 -2.80
CA LYS A 248 17.98 -1.57 -4.19
C LYS A 248 16.50 -1.47 -4.54
N VAL A 249 15.73 -2.51 -4.19
CA VAL A 249 14.28 -2.54 -4.52
C VAL A 249 13.60 -1.36 -3.82
N LEU A 250 13.91 -1.15 -2.54
CA LEU A 250 13.33 -0.03 -1.76
C LEU A 250 13.67 1.29 -2.44
N LEU A 251 14.92 1.48 -2.86
CA LEU A 251 15.32 2.77 -3.48
C LEU A 251 14.59 2.97 -4.81
N GLU A 252 14.35 1.90 -5.57
N GLU A 252 14.34 1.89 -5.56
CA GLU A 252 13.61 1.96 -6.85
CA GLU A 252 13.55 1.98 -6.82
C GLU A 252 12.16 2.37 -6.56
C GLU A 252 12.14 2.47 -6.48
N MET A 253 11.57 1.86 -5.48
N MET A 253 11.47 1.85 -5.50
CA MET A 253 10.16 2.17 -5.10
CA MET A 253 10.09 2.21 -5.10
C MET A 253 10.07 3.62 -4.63
C MET A 253 10.06 3.66 -4.63
N ARG A 254 11.11 4.10 -3.93
CA ARG A 254 11.19 5.49 -3.41
C ARG A 254 11.31 6.53 -4.52
N LYS A 255 11.58 6.14 -5.76
CA LYS A 255 11.49 7.10 -6.89
C LYS A 255 10.03 7.50 -7.15
N PHE A 256 9.07 6.66 -6.69
CA PHE A 256 7.63 6.79 -7.01
C PHE A 256 6.85 7.44 -5.88
N ARG A 257 7.25 7.24 -4.64
CA ARG A 257 6.59 7.87 -3.47
C ARG A 257 7.63 7.98 -2.36
N MET A 258 7.68 9.13 -1.68
CA MET A 258 8.67 9.41 -0.62
C MET A 258 8.40 8.54 0.60
N GLY A 259 9.44 8.22 1.35
CA GLY A 259 9.30 7.83 2.76
C GLY A 259 8.91 6.38 2.93
N LEU A 260 8.82 5.60 1.85
CA LEU A 260 8.38 4.20 1.98
C LEU A 260 9.32 3.53 3.00
N ILE A 261 8.74 2.86 4.00
CA ILE A 261 9.44 2.30 5.21
C ILE A 261 9.85 3.51 6.03
N GLN A 262 9.22 3.67 7.20
N GLN A 262 9.24 3.69 7.21
CA GLN A 262 9.27 4.89 8.06
CA GLN A 262 9.33 4.94 8.02
C GLN A 262 10.33 4.74 9.15
C GLN A 262 10.22 4.74 9.25
N THR A 263 10.63 3.51 9.57
CA THR A 263 11.53 3.23 10.71
C THR A 263 12.47 2.08 10.36
N ALA A 264 13.58 2.01 11.10
CA ALA A 264 14.59 0.94 10.98
C ALA A 264 13.95 -0.39 11.39
N ASP A 265 12.94 -0.34 12.26
CA ASP A 265 12.17 -1.53 12.68
C ASP A 265 11.38 -2.11 11.49
N GLN A 266 10.79 -1.22 10.68
CA GLN A 266 9.98 -1.64 9.51
C GLN A 266 10.94 -2.26 8.50
N LEU A 267 12.12 -1.67 8.33
CA LEU A 267 13.18 -2.22 7.45
C LEU A 267 13.57 -3.64 7.93
N ARG A 268 13.88 -3.80 9.21
CA ARG A 268 14.24 -5.13 9.76
C ARG A 268 13.11 -6.13 9.50
N PHE A 269 11.87 -5.75 9.83
CA PHE A 269 10.66 -6.58 9.58
C PHE A 269 10.56 -6.96 8.10
N SER A 270 10.88 -6.04 7.19
CA SER A 270 10.79 -6.26 5.73
C SER A 270 11.74 -7.39 5.34
N TYR A 271 12.99 -7.31 5.80
CA TYR A 271 14.01 -8.38 5.63
C TYR A 271 13.43 -9.71 6.11
N LEU A 272 12.98 -9.73 7.37
N LEU A 272 12.94 -9.72 7.35
CA LEU A 272 12.41 -10.93 8.05
CA LEU A 272 12.42 -10.94 8.03
C LEU A 272 11.28 -11.53 7.22
C LEU A 272 11.26 -11.53 7.23
N ALA A 273 10.35 -10.70 6.73
CA ALA A 273 9.18 -11.17 5.95
C ALA A 273 9.66 -11.84 4.67
N VAL A 274 10.59 -11.19 3.97
CA VAL A 274 11.13 -11.68 2.67
C VAL A 274 11.91 -12.98 2.93
N ILE A 275 12.81 -12.95 3.91
CA ILE A 275 13.61 -14.15 4.28
C ILE A 275 12.64 -15.30 4.59
N GLU A 276 11.63 -15.07 5.42
CA GLU A 276 10.68 -16.14 5.82
C GLU A 276 9.88 -16.55 4.59
N GLY A 277 9.38 -15.59 3.82
CA GLY A 277 8.53 -15.86 2.66
C GLY A 277 9.26 -16.73 1.63
N ALA A 278 10.57 -16.54 1.52
CA ALA A 278 11.46 -17.27 0.59
C ALA A 278 11.45 -18.77 0.89
N LYS A 279 11.34 -19.18 2.16
CA LYS A 279 11.26 -20.62 2.54
C LYS A 279 10.05 -21.27 1.88
N PHE A 280 8.85 -20.69 1.97
CA PHE A 280 7.64 -21.18 1.25
C PHE A 280 7.90 -21.21 -0.26
N ILE A 281 8.73 -20.31 -0.78
CA ILE A 281 8.99 -20.12 -2.24
C ILE A 281 10.22 -20.94 -2.67
N MET A 282 10.98 -21.54 -1.74
CA MET A 282 12.29 -22.22 -2.00
C MET A 282 12.52 -23.34 -0.97
C TRS B . 7.19 9.33 -15.43
C1 TRS B . 6.52 8.60 -16.61
C2 TRS B . 7.22 8.44 -14.18
C3 TRS B . 6.49 10.65 -15.14
N TRS B . 8.61 9.64 -15.82
O1 TRS B . 7.18 7.40 -16.93
O2 TRS B . 5.97 8.33 -13.49
O3 TRS B . 5.36 10.86 -15.98
H11 TRS B . 6.53 9.19 -17.39
H12 TRS B . 5.58 8.41 -16.37
H21 TRS B . 7.89 8.79 -13.56
H22 TRS B . 7.50 7.54 -14.43
H31 TRS B . 7.12 11.39 -15.27
H32 TRS B . 6.18 10.66 -14.22
HN1 TRS B . 8.75 10.53 -15.86
HN2 TRS B . 8.80 9.28 -16.63
HN3 TRS B . 9.20 9.29 -15.22
HO1 TRS B . 6.71 7.08 -17.59
HO2 TRS B . 6.15 7.82 -12.79
HO3 TRS B . 5.65 11.25 -16.73
C10 JLG C . -22.51 -8.51 -5.88
O01 JLG C . -23.70 -15.27 -4.30
C02 JLG C . -22.90 -14.34 -4.06
O03 JLG C . -21.79 -14.59 -3.51
C04 JLG C . -23.27 -12.91 -4.41
C05 JLG C . -24.59 -12.50 -4.39
S06 JLG C . -24.54 -10.83 -4.83
C07 JLG C . -22.81 -10.81 -5.04
N08 JLG C . -22.37 -12.01 -4.75
C09 JLG C . -22.05 -9.71 -5.39
C11 JLG C . -21.52 -7.57 -6.13
C12 JLG C . -20.22 -7.97 -5.87
S13 JLG C . -20.33 -9.58 -5.28
H101 JLG C . -23.56 -8.31 -6.05
H051 JLG C . -25.47 -13.09 -4.14
H111 JLG C . -21.75 -6.60 -6.53
H121 JLG C . -19.32 -7.38 -6.01
C10 JLG D . -20.06 7.87 2.54
O01 JLG D . -17.58 12.11 6.48
C02 JLG D . -17.20 10.99 6.91
O03 JLG D . -16.56 10.84 7.99
C04 JLG D . -17.56 9.78 6.06
C05 JLG D . -17.03 8.52 6.27
S06 JLG D . -17.80 7.58 5.04
C07 JLG D . -18.73 8.89 4.39
N08 JLG D . -18.43 9.94 5.09
C09 JLG D . -19.63 8.91 3.35
C11 JLG D . -20.99 8.21 1.56
C12 JLG D . -21.34 9.54 1.53
S13 JLG D . -20.44 10.32 2.79
H101 JLG D . -19.70 6.85 2.67
H051 JLG D . -16.31 8.20 7.01
H111 JLG D . -21.40 7.48 0.87
H121 JLG D . -22.04 10.02 0.85
#